data_1MHQ
#
_entry.id   1MHQ
#
_cell.length_a   62.860
_cell.length_b   68.110
_cell.length_c   74.200
_cell.angle_alpha   90.00
_cell.angle_beta   90.00
_cell.angle_gamma   90.00
#
_symmetry.space_group_name_H-M   'P 21 21 21'
#
loop_
_entity.id
_entity.type
_entity.pdbx_description
1 polymer 'ADP-ribosylation factor binding protein GGA2'
2 water water
#
_entity_poly.entity_id   1
_entity_poly.type   'polypeptide(L)'
_entity_poly.pdbx_seq_one_letter_code
;SLELWLNKATDPSMSEQDWSAIQNFCEQVNTDPNGPTHAPWLLAHKIQSPQEKEALYALTVLEMCMNHCGEKFHSEVAKF
RFLNELIKVLSPKYLGSWATGKVKGRVIEILFSWTVWFPEDIKIRDAYQMLKKQGIIKQDPKLPVDKI
;
_entity_poly.pdbx_strand_id   A,B
#
# COMPACT_ATOMS: atom_id res chain seq x y z
N SER A 1 19.56 -1.27 -6.04
CA SER A 1 18.86 -0.80 -4.82
C SER A 1 17.71 -1.73 -4.44
N LEU A 2 17.31 -1.67 -3.16
CA LEU A 2 16.22 -2.47 -2.61
C LEU A 2 14.97 -2.36 -3.45
N GLU A 3 14.52 -1.12 -3.65
CA GLU A 3 13.30 -0.85 -4.41
C GLU A 3 13.36 -1.59 -5.74
N LEU A 4 14.44 -1.32 -6.47
CA LEU A 4 14.69 -1.92 -7.77
C LEU A 4 14.36 -3.40 -7.80
N TRP A 5 15.15 -4.15 -7.03
CA TRP A 5 14.99 -5.59 -6.97
C TRP A 5 13.61 -6.04 -6.54
N LEU A 6 13.09 -5.41 -5.49
CA LEU A 6 11.77 -5.74 -4.99
C LEU A 6 10.69 -5.59 -6.05
N ASN A 7 10.79 -4.54 -6.83
CA ASN A 7 9.77 -4.34 -7.84
C ASN A 7 9.87 -5.35 -8.96
N LYS A 8 11.09 -5.77 -9.28
CA LYS A 8 11.31 -6.77 -10.31
C LYS A 8 10.76 -8.08 -9.72
N ALA A 9 11.07 -8.29 -8.44
CA ALA A 9 10.65 -9.50 -7.72
C ALA A 9 9.14 -9.62 -7.45
N THR A 10 8.42 -8.51 -7.54
CA THR A 10 6.99 -8.50 -7.26
C THR A 10 6.11 -8.05 -8.41
N ASP A 11 6.73 -7.75 -9.56
CA ASP A 11 6.01 -7.28 -10.75
C ASP A 11 4.80 -8.16 -11.16
N PRO A 12 3.57 -7.62 -11.08
CA PRO A 12 2.41 -8.42 -11.46
C PRO A 12 2.13 -8.58 -12.95
N SER A 13 2.97 -7.99 -13.81
CA SER A 13 2.77 -8.14 -15.25
C SER A 13 3.42 -9.45 -15.71
N MET A 14 4.36 -9.91 -14.90
CA MET A 14 5.13 -11.14 -15.10
C MET A 14 4.27 -12.39 -15.00
N SER A 15 4.17 -13.14 -16.09
CA SER A 15 3.39 -14.36 -16.06
C SER A 15 3.91 -15.20 -14.90
N GLU A 16 5.22 -15.15 -14.69
CA GLU A 16 5.87 -15.89 -13.62
C GLU A 16 6.73 -14.92 -12.79
N GLN A 17 7.05 -15.29 -11.55
CA GLN A 17 7.84 -14.44 -10.68
C GLN A 17 9.33 -14.56 -10.99
N ASP A 18 10.02 -13.42 -11.06
CA ASP A 18 11.45 -13.43 -11.35
C ASP A 18 12.16 -13.87 -10.10
N TRP A 19 12.46 -15.15 -10.06
CA TRP A 19 13.14 -15.73 -8.93
C TRP A 19 14.52 -15.16 -8.61
N SER A 20 15.24 -14.72 -9.63
CA SER A 20 16.57 -14.16 -9.45
C SER A 20 16.51 -12.85 -8.68
N ALA A 21 15.50 -12.04 -9.01
CA ALA A 21 15.28 -10.76 -8.34
C ALA A 21 14.99 -10.94 -6.85
N ILE A 22 14.25 -11.99 -6.51
CA ILE A 22 13.92 -12.27 -5.11
C ILE A 22 15.23 -12.46 -4.37
N GLN A 23 16.10 -13.28 -4.95
CA GLN A 23 17.39 -13.54 -4.33
C GLN A 23 18.20 -12.27 -4.21
N ASN A 24 18.14 -11.43 -5.24
CA ASN A 24 18.89 -10.18 -5.23
C ASN A 24 18.37 -9.24 -4.15
N PHE A 25 17.06 -9.28 -3.94
CA PHE A 25 16.47 -8.43 -2.93
C PHE A 25 16.93 -8.79 -1.53
N CYS A 26 16.73 -10.03 -1.11
CA CYS A 26 17.13 -10.40 0.24
C CYS A 26 18.61 -10.20 0.51
N GLU A 27 19.44 -10.17 -0.53
CA GLU A 27 20.86 -9.97 -0.34
C GLU A 27 21.14 -8.47 -0.06
N GLN A 28 20.46 -7.59 -0.78
CA GLN A 28 20.62 -6.16 -0.57
C GLN A 28 20.22 -5.81 0.86
N VAL A 29 19.24 -6.55 1.37
CA VAL A 29 18.74 -6.34 2.72
C VAL A 29 19.86 -6.52 3.74
N ASN A 30 20.76 -7.48 3.50
CA ASN A 30 21.85 -7.65 4.44
C ASN A 30 22.92 -6.61 4.12
N THR A 31 23.02 -6.26 2.84
CA THR A 31 24.03 -5.33 2.37
C THR A 31 23.86 -3.89 2.82
N ASP A 32 22.77 -3.26 2.38
CA ASP A 32 22.48 -1.88 2.71
C ASP A 32 22.01 -1.74 4.15
N PRO A 33 22.54 -0.74 4.88
CA PRO A 33 22.13 -0.54 6.27
C PRO A 33 20.67 -0.14 6.40
N ASN A 34 20.11 0.43 5.34
CA ASN A 34 18.70 0.80 5.38
C ASN A 34 17.85 -0.44 5.24
N GLY A 35 18.39 -1.43 4.52
CA GLY A 35 17.68 -2.67 4.27
C GLY A 35 16.79 -3.21 5.37
N PRO A 36 17.34 -3.49 6.56
CA PRO A 36 16.55 -4.02 7.67
C PRO A 36 15.38 -3.12 8.07
N THR A 37 15.67 -1.84 8.24
CA THR A 37 14.65 -0.90 8.66
C THR A 37 13.70 -0.42 7.55
N HIS A 38 14.03 -0.64 6.29
CA HIS A 38 13.15 -0.20 5.21
C HIS A 38 12.43 -1.34 4.50
N ALA A 39 13.14 -2.44 4.29
CA ALA A 39 12.56 -3.57 3.56
C ALA A 39 11.22 -4.10 4.06
N PRO A 40 11.06 -4.24 5.38
CA PRO A 40 9.78 -4.73 5.89
C PRO A 40 8.59 -3.86 5.49
N TRP A 41 8.78 -2.55 5.48
CA TRP A 41 7.68 -1.67 5.10
C TRP A 41 7.45 -1.76 3.60
N LEU A 42 8.52 -1.91 2.81
CA LEU A 42 8.36 -2.03 1.36
C LEU A 42 7.57 -3.29 1.08
N LEU A 43 7.86 -4.33 1.86
CA LEU A 43 7.20 -5.62 1.73
C LEU A 43 5.77 -5.54 2.17
N ALA A 44 5.59 -4.94 3.34
CA ALA A 44 4.27 -4.78 3.92
C ALA A 44 3.28 -4.12 2.95
N HIS A 45 3.72 -3.08 2.28
CA HIS A 45 2.84 -2.36 1.35
C HIS A 45 2.38 -3.26 0.21
N LYS A 46 3.33 -3.97 -0.39
CA LYS A 46 3.01 -4.86 -1.50
C LYS A 46 2.11 -6.03 -1.09
N ILE A 47 2.32 -6.55 0.11
CA ILE A 47 1.51 -7.65 0.62
C ILE A 47 0.03 -7.21 0.79
N GLN A 48 -0.16 -5.93 1.07
CA GLN A 48 -1.49 -5.39 1.26
C GLN A 48 -2.09 -4.91 -0.06
N SER A 49 -1.43 -5.18 -1.17
CA SER A 49 -1.95 -4.72 -2.45
C SER A 49 -3.28 -5.30 -2.90
N PRO A 50 -4.12 -4.46 -3.54
CA PRO A 50 -5.43 -4.91 -4.03
C PRO A 50 -5.21 -5.78 -5.27
N GLN A 51 -3.97 -5.79 -5.79
CA GLN A 51 -3.61 -6.63 -6.96
C GLN A 51 -3.05 -7.94 -6.40
N GLU A 52 -3.88 -8.98 -6.42
CA GLU A 52 -3.50 -10.26 -5.85
C GLU A 52 -2.14 -10.85 -6.19
N LYS A 53 -1.76 -10.83 -7.46
CA LYS A 53 -0.48 -11.39 -7.87
C LYS A 53 0.66 -10.62 -7.21
N GLU A 54 0.47 -9.32 -7.07
CA GLU A 54 1.49 -8.52 -6.44
C GLU A 54 1.62 -8.95 -4.98
N ALA A 55 0.49 -9.21 -4.34
CA ALA A 55 0.49 -9.62 -2.94
C ALA A 55 1.18 -10.99 -2.73
N LEU A 56 0.77 -11.98 -3.52
CA LEU A 56 1.36 -13.31 -3.44
C LEU A 56 2.86 -13.24 -3.65
N TYR A 57 3.28 -12.60 -4.74
CA TYR A 57 4.70 -12.48 -5.02
C TYR A 57 5.45 -11.95 -3.81
N ALA A 58 4.92 -10.89 -3.22
CA ALA A 58 5.52 -10.26 -2.05
C ALA A 58 5.60 -11.24 -0.88
N LEU A 59 4.51 -11.94 -0.65
CA LEU A 59 4.47 -12.94 0.41
C LEU A 59 5.62 -13.91 0.19
N THR A 60 5.83 -14.32 -1.06
CA THR A 60 6.94 -15.22 -1.33
C THR A 60 8.29 -14.51 -1.04
N VAL A 61 8.44 -13.26 -1.44
CA VAL A 61 9.68 -12.54 -1.16
C VAL A 61 9.89 -12.49 0.35
N LEU A 62 8.83 -12.20 1.09
CA LEU A 62 8.90 -12.12 2.54
C LEU A 62 9.39 -13.43 3.10
N GLU A 63 8.79 -14.49 2.59
CA GLU A 63 9.10 -15.84 2.99
C GLU A 63 10.57 -16.14 2.77
N MET A 64 11.08 -15.76 1.61
CA MET A 64 12.50 -15.99 1.34
C MET A 64 13.44 -15.13 2.18
N CYS A 65 13.12 -13.86 2.37
CA CYS A 65 14.00 -13.02 3.15
C CYS A 65 14.07 -13.41 4.62
N MET A 66 12.99 -13.90 5.20
CA MET A 66 13.04 -14.28 6.60
C MET A 66 14.02 -15.41 6.78
N ASN A 67 14.10 -16.25 5.75
CA ASN A 67 14.98 -17.39 5.83
C ASN A 67 16.42 -17.10 5.50
N HIS A 68 16.66 -16.13 4.63
CA HIS A 68 18.04 -15.85 4.24
C HIS A 68 18.71 -14.62 4.80
N CYS A 69 17.93 -13.63 5.21
CA CYS A 69 18.53 -12.43 5.72
C CYS A 69 19.05 -12.70 7.12
N GLY A 70 19.82 -11.75 7.64
CA GLY A 70 20.39 -11.89 8.95
C GLY A 70 19.48 -11.49 10.09
N GLU A 71 20.05 -11.58 11.28
CA GLU A 71 19.37 -11.26 12.52
C GLU A 71 18.68 -9.87 12.53
N LYS A 72 19.27 -8.88 11.87
CA LYS A 72 18.69 -7.54 11.85
C LYS A 72 17.32 -7.48 11.20
N PHE A 73 17.22 -8.02 9.99
CA PHE A 73 15.96 -8.05 9.29
C PHE A 73 14.98 -8.87 10.15
N HIS A 74 15.37 -10.09 10.47
CA HIS A 74 14.56 -11.00 11.28
C HIS A 74 13.99 -10.23 12.47
N SER A 75 14.89 -9.50 13.11
CA SER A 75 14.56 -8.71 14.26
C SER A 75 13.40 -7.75 14.00
N GLU A 76 13.43 -7.08 12.84
CA GLU A 76 12.39 -6.13 12.47
C GLU A 76 11.03 -6.79 12.23
N VAL A 77 11.04 -7.87 11.46
CA VAL A 77 9.82 -8.59 11.18
C VAL A 77 9.25 -9.18 12.47
N ALA A 78 10.13 -9.52 13.41
CA ALA A 78 9.69 -10.12 14.66
C ALA A 78 9.00 -9.15 15.60
N LYS A 79 9.08 -7.85 15.29
CA LYS A 79 8.45 -6.82 16.11
C LYS A 79 6.94 -6.75 15.83
N PHE A 80 6.17 -6.31 16.81
CA PHE A 80 4.71 -6.27 16.65
C PHE A 80 4.26 -5.29 15.58
N ARG A 81 4.91 -4.13 15.56
CA ARG A 81 4.54 -3.12 14.58
C ARG A 81 4.47 -3.77 13.21
N PHE A 82 5.48 -4.58 12.89
CA PHE A 82 5.45 -5.21 11.59
C PHE A 82 4.37 -6.28 11.49
N LEU A 83 4.28 -7.14 12.50
CA LEU A 83 3.31 -8.22 12.47
C LEU A 83 1.90 -7.65 12.35
N ASN A 84 1.67 -6.51 12.98
CA ASN A 84 0.35 -5.91 12.89
C ASN A 84 -0.01 -5.59 11.42
N GLU A 85 0.97 -5.11 10.66
CA GLU A 85 0.76 -4.82 9.24
C GLU A 85 0.37 -6.11 8.49
N LEU A 86 1.02 -7.21 8.83
CA LEU A 86 0.72 -8.47 8.20
C LEU A 86 -0.69 -8.86 8.49
N ILE A 87 -1.06 -8.68 9.75
CA ILE A 87 -2.36 -9.03 10.25
C ILE A 87 -3.52 -8.20 9.69
N LYS A 88 -3.24 -6.98 9.25
CA LYS A 88 -4.32 -6.15 8.70
C LYS A 88 -4.97 -6.86 7.51
N VAL A 89 -4.17 -7.65 6.80
CA VAL A 89 -4.67 -8.41 5.68
C VAL A 89 -5.76 -9.36 6.15
N LEU A 90 -5.67 -9.82 7.39
CA LEU A 90 -6.67 -10.75 7.91
C LEU A 90 -7.88 -10.05 8.55
N SER A 91 -7.93 -8.72 8.44
CA SER A 91 -9.03 -7.94 9.01
C SER A 91 -10.36 -8.61 8.74
N PRO A 92 -11.12 -8.91 9.79
CA PRO A 92 -12.41 -9.57 9.61
C PRO A 92 -13.54 -8.55 9.42
N LYS A 93 -13.18 -7.27 9.49
CA LYS A 93 -14.15 -6.19 9.35
C LYS A 93 -14.61 -6.01 7.91
N TYR A 94 -15.85 -5.56 7.76
CA TYR A 94 -16.47 -5.31 6.46
C TYR A 94 -15.60 -4.33 5.67
N LEU A 95 -15.17 -4.74 4.49
CA LEU A 95 -14.30 -3.91 3.67
C LEU A 95 -13.01 -3.63 4.45
N GLY A 96 -12.71 -4.45 5.44
CA GLY A 96 -11.53 -4.25 6.24
C GLY A 96 -10.26 -4.59 5.50
N SER A 97 -10.40 -5.32 4.42
CA SER A 97 -9.26 -5.73 3.63
C SER A 97 -9.71 -6.05 2.22
N TRP A 98 -8.89 -5.70 1.25
CA TRP A 98 -9.24 -6.03 -0.11
C TRP A 98 -8.40 -7.23 -0.58
N ALA A 99 -7.77 -7.92 0.38
CA ALA A 99 -6.96 -9.10 0.05
C ALA A 99 -7.85 -10.32 -0.25
N THR A 100 -7.44 -11.15 -1.20
CA THR A 100 -8.21 -12.36 -1.52
C THR A 100 -8.03 -13.39 -0.39
N GLY A 101 -8.84 -14.45 -0.43
CA GLY A 101 -8.73 -15.49 0.60
C GLY A 101 -7.43 -16.27 0.39
N LYS A 102 -6.99 -16.31 -0.85
CA LYS A 102 -5.77 -16.97 -1.22
C LYS A 102 -4.65 -16.28 -0.42
N VAL A 103 -4.62 -14.95 -0.53
CA VAL A 103 -3.61 -14.18 0.17
C VAL A 103 -3.68 -14.39 1.68
N LYS A 104 -4.87 -14.33 2.24
CA LYS A 104 -5.04 -14.50 3.67
C LYS A 104 -4.51 -15.84 4.13
N GLY A 105 -4.83 -16.87 3.34
CA GLY A 105 -4.39 -18.21 3.67
C GLY A 105 -2.88 -18.24 3.71
N ARG A 106 -2.27 -17.67 2.71
CA ARG A 106 -0.83 -17.62 2.69
C ARG A 106 -0.29 -16.94 3.95
N VAL A 107 -0.82 -15.76 4.29
CA VAL A 107 -0.33 -15.05 5.47
C VAL A 107 -0.44 -15.95 6.70
N ILE A 108 -1.56 -16.64 6.80
CA ILE A 108 -1.78 -17.51 7.93
C ILE A 108 -0.76 -18.62 7.95
N GLU A 109 -0.49 -19.17 6.78
CA GLU A 109 0.46 -20.25 6.65
C GLU A 109 1.85 -19.77 7.10
N ILE A 110 2.25 -18.61 6.58
CA ILE A 110 3.53 -18.04 6.92
C ILE A 110 3.70 -17.78 8.41
N LEU A 111 2.62 -17.33 9.06
CA LEU A 111 2.66 -17.02 10.48
C LEU A 111 2.87 -18.22 11.40
N PHE A 112 2.13 -19.29 11.12
CA PHE A 112 2.25 -20.50 11.90
C PHE A 112 3.66 -21.07 11.72
N SER A 113 4.13 -21.10 10.47
CA SER A 113 5.44 -21.64 10.17
C SER A 113 6.45 -20.94 11.06
N TRP A 114 6.27 -19.65 11.24
CA TRP A 114 7.17 -18.89 12.08
C TRP A 114 7.04 -19.27 13.56
N THR A 115 5.83 -19.46 14.04
CA THR A 115 5.64 -19.83 15.44
C THR A 115 6.39 -21.13 15.74
N VAL A 116 6.54 -21.95 14.69
CA VAL A 116 7.22 -23.23 14.75
C VAL A 116 8.73 -23.18 14.52
N TRP A 117 9.16 -22.42 13.53
CA TRP A 117 10.58 -22.34 13.26
C TRP A 117 11.27 -21.40 14.22
N PHE A 118 10.53 -20.42 14.74
CA PHE A 118 11.14 -19.43 15.64
C PHE A 118 10.41 -19.29 16.95
N PRO A 119 10.39 -20.35 17.77
CA PRO A 119 9.71 -20.31 19.07
C PRO A 119 10.33 -19.26 19.96
N GLU A 120 11.52 -18.81 19.63
CA GLU A 120 12.15 -17.79 20.44
C GLU A 120 11.48 -16.42 20.25
N ASP A 121 10.72 -16.23 19.18
CA ASP A 121 10.08 -14.94 18.94
C ASP A 121 8.73 -14.81 19.62
N ILE A 122 8.73 -14.12 20.75
CA ILE A 122 7.55 -13.94 21.58
C ILE A 122 6.37 -13.19 20.95
N LYS A 123 6.67 -12.05 20.33
CA LYS A 123 5.64 -11.26 19.69
C LYS A 123 4.99 -12.10 18.61
N ILE A 124 5.80 -12.88 17.91
CA ILE A 124 5.26 -13.73 16.87
C ILE A 124 4.32 -14.78 17.46
N ARG A 125 4.73 -15.39 18.55
CA ARG A 125 3.90 -16.40 19.21
C ARG A 125 2.61 -15.74 19.66
N ASP A 126 2.77 -14.65 20.38
CA ASP A 126 1.63 -13.95 20.91
C ASP A 126 0.64 -13.51 19.85
N ALA A 127 1.13 -13.10 18.68
CA ALA A 127 0.22 -12.65 17.64
C ALA A 127 -0.59 -13.83 17.11
N TYR A 128 0.11 -14.93 16.79
CA TYR A 128 -0.58 -16.08 16.25
C TYR A 128 -1.65 -16.55 17.22
N GLN A 129 -1.31 -16.55 18.50
CA GLN A 129 -2.26 -16.97 19.52
C GLN A 129 -3.43 -16.01 19.60
N MET A 130 -3.13 -14.72 19.57
CA MET A 130 -4.14 -13.68 19.60
C MET A 130 -5.13 -13.93 18.46
N LEU A 131 -4.61 -14.13 17.27
CA LEU A 131 -5.48 -14.39 16.12
C LEU A 131 -6.32 -15.63 16.38
N LYS A 132 -5.69 -16.63 16.99
CA LYS A 132 -6.35 -17.87 17.30
C LYS A 132 -7.49 -17.56 18.23
N LYS A 133 -7.21 -16.80 19.27
CA LYS A 133 -8.23 -16.45 20.22
C LYS A 133 -9.36 -15.67 19.61
N GLN A 134 -9.07 -14.76 18.70
CA GLN A 134 -10.13 -13.95 18.11
C GLN A 134 -10.99 -14.66 17.06
N GLY A 135 -10.69 -15.93 16.81
CA GLY A 135 -11.46 -16.65 15.84
C GLY A 135 -11.07 -16.37 14.41
N ILE A 136 -10.03 -15.56 14.21
CA ILE A 136 -9.58 -15.22 12.86
C ILE A 136 -8.84 -16.35 12.17
N ILE A 137 -8.20 -17.21 12.96
CA ILE A 137 -7.52 -18.38 12.44
C ILE A 137 -8.21 -19.52 13.18
N LYS A 138 -9.05 -20.25 12.45
CA LYS A 138 -9.85 -21.34 13.00
C LYS A 138 -8.97 -22.47 13.52
N GLN A 139 -8.05 -22.92 12.67
CA GLN A 139 -7.17 -24.00 13.03
C GLN A 139 -5.85 -23.90 12.28
N ASP A 140 -4.81 -24.47 12.86
CA ASP A 140 -3.49 -24.43 12.28
C ASP A 140 -3.43 -25.04 10.90
N PRO A 141 -2.60 -24.47 10.02
CA PRO A 141 -2.44 -24.98 8.67
C PRO A 141 -1.32 -26.05 8.66
N LYS A 142 -0.80 -26.38 7.48
CA LYS A 142 0.27 -27.38 7.33
C LYS A 142 1.65 -26.74 7.49
N LEU A 143 2.64 -27.14 6.69
CA LEU A 143 3.99 -26.57 6.81
C LEU A 143 4.84 -26.71 5.55
N SER B 1 -8.70 -3.76 -16.57
CA SER B 1 -7.44 -3.52 -17.34
C SER B 1 -6.75 -2.27 -16.83
N LEU B 2 -7.33 -1.70 -15.79
CA LEU B 2 -6.80 -0.50 -15.18
C LEU B 2 -5.47 -0.83 -14.53
N GLU B 3 -5.38 -2.04 -14.00
CA GLU B 3 -4.17 -2.44 -13.34
C GLU B 3 -2.98 -2.18 -14.25
N LEU B 4 -3.07 -2.64 -15.50
CA LEU B 4 -2.01 -2.47 -16.48
C LEU B 4 -1.49 -1.05 -16.60
N TRP B 5 -2.38 -0.17 -17.03
CA TRP B 5 -2.07 1.25 -17.25
C TRP B 5 -1.67 1.96 -15.97
N LEU B 6 -2.33 1.63 -14.86
CA LEU B 6 -2.00 2.24 -13.58
C LEU B 6 -0.58 1.93 -13.17
N ASN B 7 -0.17 0.67 -13.32
CA ASN B 7 1.19 0.31 -12.94
C ASN B 7 2.17 1.00 -13.88
N LYS B 8 1.84 1.02 -15.17
CA LYS B 8 2.72 1.70 -16.12
C LYS B 8 2.79 3.17 -15.73
N ALA B 9 1.65 3.76 -15.38
CA ALA B 9 1.57 5.18 -15.02
C ALA B 9 2.27 5.55 -13.72
N THR B 10 2.42 4.56 -12.85
CA THR B 10 3.07 4.80 -11.56
C THR B 10 4.38 4.02 -11.39
N ASP B 11 4.92 3.53 -12.50
CA ASP B 11 6.16 2.77 -12.49
C ASP B 11 7.31 3.61 -11.96
N PRO B 12 7.73 3.36 -10.72
CA PRO B 12 8.83 4.10 -10.09
C PRO B 12 10.18 3.94 -10.77
N SER B 13 10.27 3.02 -11.73
CA SER B 13 11.53 2.83 -12.42
C SER B 13 11.65 3.86 -13.54
N MET B 14 10.52 4.42 -13.96
CA MET B 14 10.52 5.44 -15.01
C MET B 14 11.06 6.75 -14.41
N SER B 15 12.23 7.19 -14.88
CA SER B 15 12.83 8.42 -14.38
C SER B 15 11.88 9.57 -14.63
N GLU B 16 11.01 9.38 -15.63
CA GLU B 16 10.01 10.38 -15.98
C GLU B 16 8.70 9.64 -16.15
N GLN B 17 7.61 10.22 -15.63
CA GLN B 17 6.32 9.58 -15.69
C GLN B 17 5.80 9.31 -17.10
N ASP B 18 5.08 8.19 -17.24
CA ASP B 18 4.48 7.76 -18.52
C ASP B 18 3.10 8.39 -18.72
N TRP B 19 3.07 9.62 -19.20
CA TRP B 19 1.80 10.32 -19.38
C TRP B 19 0.82 9.60 -20.29
N SER B 20 1.32 8.95 -21.32
CA SER B 20 0.46 8.20 -22.21
C SER B 20 -0.26 7.12 -21.38
N ALA B 21 0.48 6.48 -20.48
CA ALA B 21 -0.11 5.46 -19.62
C ALA B 21 -1.19 6.11 -18.74
N ILE B 22 -0.89 7.30 -18.23
CA ILE B 22 -1.86 8.03 -17.42
C ILE B 22 -3.16 8.24 -18.19
N GLN B 23 -3.05 8.78 -19.39
CA GLN B 23 -4.23 9.05 -20.19
C GLN B 23 -5.01 7.77 -20.44
N ASN B 24 -4.32 6.69 -20.79
CA ASN B 24 -5.03 5.43 -21.04
C ASN B 24 -5.81 5.01 -19.81
N PHE B 25 -5.19 5.19 -18.65
CA PHE B 25 -5.84 4.83 -17.39
C PHE B 25 -7.12 5.61 -17.07
N CYS B 26 -7.08 6.95 -17.11
CA CYS B 26 -8.28 7.71 -16.78
C CYS B 26 -9.28 7.45 -17.88
N GLU B 27 -8.76 7.24 -19.07
CA GLU B 27 -9.60 6.94 -20.22
C GLU B 27 -10.36 5.66 -19.88
N GLN B 28 -9.64 4.66 -19.40
CA GLN B 28 -10.24 3.40 -18.99
C GLN B 28 -11.37 3.70 -18.02
N VAL B 29 -11.06 4.54 -17.05
CA VAL B 29 -12.05 4.92 -16.05
C VAL B 29 -13.39 5.30 -16.70
N ASN B 30 -13.34 5.97 -17.84
CA ASN B 30 -14.57 6.37 -18.53
C ASN B 30 -15.06 5.26 -19.44
N THR B 31 -14.12 4.50 -19.99
CA THR B 31 -14.43 3.39 -20.89
C THR B 31 -14.41 2.08 -20.12
N ASP B 32 -15.38 1.94 -19.23
CA ASP B 32 -15.52 0.74 -18.41
C ASP B 32 -16.53 1.07 -17.35
N PRO B 33 -17.60 0.27 -17.26
CA PRO B 33 -18.68 0.46 -16.28
C PRO B 33 -18.20 0.28 -14.85
N ASN B 34 -17.09 -0.41 -14.69
CA ASN B 34 -16.56 -0.66 -13.37
C ASN B 34 -15.31 0.17 -13.11
N GLY B 35 -14.91 0.93 -14.12
CA GLY B 35 -13.74 1.76 -13.98
C GLY B 35 -13.82 2.60 -12.71
N PRO B 36 -14.91 3.38 -12.56
CA PRO B 36 -15.09 4.24 -11.37
C PRO B 36 -15.29 3.46 -10.07
N THR B 37 -15.47 2.15 -10.18
CA THR B 37 -15.67 1.31 -9.01
C THR B 37 -14.37 0.66 -8.54
N HIS B 38 -13.39 0.55 -9.43
CA HIS B 38 -12.14 -0.08 -9.04
C HIS B 38 -10.95 0.88 -8.93
N ALA B 39 -10.86 1.79 -9.89
CA ALA B 39 -9.76 2.76 -9.96
C ALA B 39 -9.38 3.41 -8.63
N PRO B 40 -10.35 4.04 -7.95
CA PRO B 40 -10.03 4.67 -6.67
C PRO B 40 -9.29 3.78 -5.66
N TRP B 41 -9.60 2.48 -5.61
CA TRP B 41 -8.93 1.60 -4.65
C TRP B 41 -7.56 1.21 -5.12
N LEU B 42 -7.43 0.97 -6.41
CA LEU B 42 -6.16 0.63 -7.00
C LEU B 42 -5.24 1.82 -6.78
N LEU B 43 -5.82 2.99 -6.95
CA LEU B 43 -5.12 4.25 -6.83
C LEU B 43 -4.77 4.54 -5.38
N ALA B 44 -5.69 4.25 -4.48
CA ALA B 44 -5.47 4.49 -3.06
C ALA B 44 -4.23 3.77 -2.55
N HIS B 45 -4.12 2.50 -2.91
CA HIS B 45 -3.01 1.70 -2.48
C HIS B 45 -1.72 2.31 -3.02
N LYS B 46 -1.76 2.70 -4.28
CA LYS B 46 -0.59 3.28 -4.92
C LYS B 46 -0.15 4.55 -4.20
N ILE B 47 -1.11 5.29 -3.66
CA ILE B 47 -0.79 6.53 -3.00
C ILE B 47 -0.22 6.27 -1.62
N GLN B 48 -0.46 5.07 -1.10
CA GLN B 48 0.06 4.75 0.21
C GLN B 48 1.44 4.14 0.15
N SER B 49 2.01 4.09 -1.03
CA SER B 49 3.33 3.51 -1.18
C SER B 49 4.50 4.14 -0.40
N PRO B 50 5.34 3.29 0.21
CA PRO B 50 6.49 3.79 0.97
C PRO B 50 7.57 4.25 -0.01
N GLN B 51 7.32 4.01 -1.30
CA GLN B 51 8.22 4.43 -2.34
C GLN B 51 7.70 5.77 -2.86
N GLU B 52 8.40 6.82 -2.46
CA GLU B 52 8.04 8.18 -2.80
C GLU B 52 7.60 8.41 -4.25
N LYS B 53 8.46 8.09 -5.20
CA LYS B 53 8.12 8.32 -6.60
C LYS B 53 6.82 7.64 -7.01
N GLU B 54 6.61 6.43 -6.51
CA GLU B 54 5.42 5.71 -6.84
C GLU B 54 4.21 6.43 -6.27
N ALA B 55 4.34 6.92 -5.05
CA ALA B 55 3.22 7.63 -4.44
C ALA B 55 2.98 8.97 -5.16
N LEU B 56 4.04 9.73 -5.45
CA LEU B 56 3.84 11.01 -6.14
C LEU B 56 3.22 10.80 -7.53
N TYR B 57 3.72 9.80 -8.25
CA TYR B 57 3.22 9.46 -9.56
C TYR B 57 1.71 9.20 -9.46
N ALA B 58 1.34 8.39 -8.48
CA ALA B 58 -0.05 8.04 -8.25
C ALA B 58 -0.92 9.30 -7.99
N LEU B 59 -0.39 10.25 -7.21
CA LEU B 59 -1.13 11.49 -6.92
C LEU B 59 -1.33 12.24 -8.22
N THR B 60 -0.32 12.22 -9.06
CA THR B 60 -0.46 12.87 -10.33
C THR B 60 -1.59 12.17 -11.13
N VAL B 61 -1.64 10.84 -11.08
CA VAL B 61 -2.71 10.15 -11.80
C VAL B 61 -4.05 10.61 -11.25
N LEU B 62 -4.15 10.66 -9.93
CA LEU B 62 -5.36 11.06 -9.26
C LEU B 62 -5.80 12.45 -9.69
N GLU B 63 -4.87 13.38 -9.83
CA GLU B 63 -5.27 14.73 -10.23
C GLU B 63 -5.78 14.71 -11.66
N MET B 64 -5.09 13.95 -12.50
CA MET B 64 -5.47 13.83 -13.89
C MET B 64 -6.88 13.28 -14.00
N CYS B 65 -7.15 12.17 -13.33
CA CYS B 65 -8.48 11.61 -13.44
C CYS B 65 -9.54 12.56 -12.95
N MET B 66 -9.21 13.40 -11.97
CA MET B 66 -10.17 14.35 -11.44
C MET B 66 -10.54 15.31 -12.56
N ASN B 67 -9.58 15.57 -13.44
CA ASN B 67 -9.83 16.49 -14.53
C ASN B 67 -10.48 15.90 -15.75
N HIS B 68 -10.41 14.59 -15.92
CA HIS B 68 -10.94 13.98 -17.13
C HIS B 68 -12.04 12.93 -16.99
N CYS B 69 -12.44 12.59 -15.76
CA CYS B 69 -13.47 11.58 -15.63
C CYS B 69 -14.79 12.07 -15.04
N GLY B 70 -14.87 13.37 -14.75
CA GLY B 70 -16.10 13.97 -14.23
C GLY B 70 -16.70 13.44 -12.94
N GLU B 71 -17.96 13.80 -12.72
CA GLU B 71 -18.73 13.43 -11.53
C GLU B 71 -18.75 11.97 -11.11
N LYS B 72 -18.76 11.07 -12.08
CA LYS B 72 -18.78 9.66 -11.74
C LYS B 72 -17.52 9.27 -10.98
N PHE B 73 -16.41 9.96 -11.29
CA PHE B 73 -15.15 9.71 -10.59
C PHE B 73 -15.16 10.56 -9.33
N HIS B 74 -15.65 11.77 -9.49
CA HIS B 74 -15.72 12.73 -8.41
C HIS B 74 -16.49 12.16 -7.22
N SER B 75 -17.61 11.50 -7.50
CA SER B 75 -18.46 10.91 -6.47
C SER B 75 -17.79 9.82 -5.67
N GLU B 76 -16.97 9.03 -6.33
CA GLU B 76 -16.28 7.94 -5.66
C GLU B 76 -15.23 8.51 -4.71
N VAL B 77 -14.31 9.26 -5.29
CA VAL B 77 -13.24 9.90 -4.57
C VAL B 77 -13.80 10.71 -3.40
N ALA B 78 -15.02 11.19 -3.54
CA ALA B 78 -15.66 12.00 -2.51
C ALA B 78 -16.25 11.20 -1.33
N LYS B 79 -16.20 9.88 -1.40
CA LYS B 79 -16.73 9.08 -0.31
C LYS B 79 -15.78 8.90 0.86
N PHE B 80 -16.36 8.68 2.05
CA PHE B 80 -15.58 8.45 3.25
C PHE B 80 -14.56 7.36 3.04
N ARG B 81 -14.98 6.30 2.35
CA ARG B 81 -14.12 5.18 2.09
C ARG B 81 -12.82 5.62 1.40
N PHE B 82 -12.93 6.51 0.42
CA PHE B 82 -11.72 6.98 -0.24
C PHE B 82 -10.98 8.01 0.60
N LEU B 83 -11.71 8.98 1.15
CA LEU B 83 -11.10 10.00 1.99
C LEU B 83 -10.28 9.36 3.11
N ASN B 84 -10.74 8.22 3.59
CA ASN B 84 -10.04 7.53 4.67
C ASN B 84 -8.68 7.01 4.29
N GLU B 85 -8.53 6.58 3.05
CA GLU B 85 -7.24 6.09 2.63
C GLU B 85 -6.23 7.23 2.60
N LEU B 86 -6.72 8.41 2.23
CA LEU B 86 -5.89 9.61 2.15
C LEU B 86 -5.49 10.04 3.55
N ILE B 87 -6.45 9.99 4.47
CA ILE B 87 -6.19 10.38 5.85
C ILE B 87 -5.12 9.47 6.42
N LYS B 88 -5.15 8.21 5.99
CA LYS B 88 -4.22 7.19 6.42
C LYS B 88 -2.77 7.53 6.00
N VAL B 89 -2.64 8.21 4.87
CA VAL B 89 -1.32 8.59 4.38
C VAL B 89 -0.73 9.71 5.23
N LEU B 90 -1.62 10.50 5.83
CA LEU B 90 -1.18 11.61 6.66
C LEU B 90 -0.98 11.19 8.11
N SER B 91 -1.45 10.00 8.44
CA SER B 91 -1.30 9.51 9.81
C SER B 91 0.07 8.92 10.10
N PRO B 92 0.66 9.30 11.24
CA PRO B 92 1.97 8.87 11.73
C PRO B 92 1.89 7.53 12.48
N LEU B 95 4.10 6.70 15.49
CA LEU B 95 5.55 6.92 15.36
C LEU B 95 5.89 7.59 14.05
N GLY B 96 6.20 6.79 13.04
CA GLY B 96 6.56 7.31 11.74
C GLY B 96 5.45 7.14 10.70
N SER B 97 5.86 6.98 9.45
CA SER B 97 4.91 6.80 8.34
C SER B 97 5.60 6.44 6.99
N TRP B 98 4.88 5.75 6.11
CA TRP B 98 5.43 5.34 4.84
C TRP B 98 5.55 6.54 3.92
N ALA B 99 4.75 7.57 4.19
CA ALA B 99 4.74 8.75 3.35
C ALA B 99 5.78 9.81 3.73
N THR B 100 6.40 10.42 2.75
CA THR B 100 7.37 11.48 3.02
C THR B 100 6.56 12.76 3.22
N GLY B 101 7.20 13.79 3.77
CA GLY B 101 6.54 15.06 4.01
C GLY B 101 6.13 15.70 2.71
N LYS B 102 6.86 15.39 1.64
CA LYS B 102 6.54 15.91 0.32
C LYS B 102 5.25 15.22 -0.17
N VAL B 103 5.18 13.89 -0.01
CA VAL B 103 3.97 13.16 -0.41
C VAL B 103 2.81 13.69 0.41
N LYS B 104 3.07 13.83 1.72
CA LYS B 104 2.07 14.32 2.63
C LYS B 104 1.61 15.69 2.20
N GLY B 105 2.58 16.54 1.87
CA GLY B 105 2.24 17.89 1.45
C GLY B 105 1.33 17.94 0.25
N ARG B 106 1.62 17.08 -0.73
CA ARG B 106 0.80 17.06 -1.92
C ARG B 106 -0.58 16.53 -1.62
N VAL B 107 -0.68 15.55 -0.72
CA VAL B 107 -2.01 15.04 -0.40
C VAL B 107 -2.86 16.16 0.18
N ILE B 108 -2.25 16.94 1.07
CA ILE B 108 -2.90 18.05 1.74
C ILE B 108 -3.45 19.09 0.77
N GLU B 109 -2.63 19.41 -0.22
CA GLU B 109 -2.99 20.38 -1.23
C GLU B 109 -4.15 19.90 -2.05
N ILE B 110 -4.06 18.65 -2.48
CA ILE B 110 -5.13 18.03 -3.27
C ILE B 110 -6.40 18.04 -2.43
N LEU B 111 -6.29 17.61 -1.19
CA LEU B 111 -7.46 17.55 -0.33
C LEU B 111 -8.05 18.95 -0.09
N PHE B 112 -7.18 19.94 0.08
CA PHE B 112 -7.66 21.30 0.28
C PHE B 112 -8.35 21.87 -1.00
N SER B 113 -7.77 21.63 -2.17
CA SER B 113 -8.40 22.11 -3.40
C SER B 113 -9.80 21.51 -3.56
N TRP B 114 -9.98 20.25 -3.13
CA TRP B 114 -11.29 19.61 -3.21
C TRP B 114 -12.29 20.32 -2.29
N THR B 115 -11.82 20.85 -1.18
CA THR B 115 -12.76 21.56 -0.30
C THR B 115 -13.16 22.82 -1.03
N VAL B 116 -12.28 23.28 -1.90
CA VAL B 116 -12.59 24.49 -2.63
C VAL B 116 -13.49 24.18 -3.83
N TRP B 117 -13.23 23.05 -4.50
CA TRP B 117 -13.98 22.60 -5.67
C TRP B 117 -15.35 22.05 -5.30
N PHE B 118 -15.47 21.47 -4.12
CA PHE B 118 -16.73 20.89 -3.69
C PHE B 118 -17.07 21.39 -2.30
N PRO B 119 -17.20 22.71 -2.17
CA PRO B 119 -17.52 23.41 -0.93
C PRO B 119 -18.74 22.85 -0.24
N GLU B 120 -19.61 22.20 -1.00
CA GLU B 120 -20.80 21.66 -0.41
C GLU B 120 -20.65 20.26 0.19
N ASP B 121 -19.72 19.46 -0.33
CA ASP B 121 -19.53 18.12 0.19
C ASP B 121 -19.07 18.14 1.65
N ILE B 122 -19.93 17.63 2.52
CA ILE B 122 -19.67 17.58 3.97
C ILE B 122 -18.60 16.54 4.33
N LYS B 123 -18.54 15.46 3.57
CA LYS B 123 -17.55 14.41 3.82
C LYS B 123 -16.15 14.99 3.64
N ILE B 124 -15.96 15.72 2.55
CA ILE B 124 -14.68 16.33 2.26
C ILE B 124 -14.44 17.39 3.31
N ARG B 125 -15.47 18.17 3.58
CA ARG B 125 -15.36 19.23 4.57
C ARG B 125 -14.88 18.65 5.89
N ASP B 126 -15.63 17.68 6.38
CA ASP B 126 -15.30 17.06 7.64
C ASP B 126 -13.92 16.43 7.68
N ALA B 127 -13.60 15.66 6.64
CA ALA B 127 -12.29 15.01 6.61
C ALA B 127 -11.19 16.06 6.79
N TYR B 128 -11.29 17.16 6.04
CA TYR B 128 -10.28 18.20 6.12
C TYR B 128 -10.27 18.83 7.51
N GLN B 129 -11.45 19.13 8.02
CA GLN B 129 -11.58 19.72 9.35
C GLN B 129 -10.93 18.84 10.38
N MET B 130 -11.32 17.59 10.36
CA MET B 130 -10.78 16.63 11.29
C MET B 130 -9.26 16.64 11.29
N LEU B 131 -8.66 16.59 10.10
CA LEU B 131 -7.23 16.58 9.99
C LEU B 131 -6.64 17.80 10.66
N LYS B 132 -7.29 18.95 10.49
CA LYS B 132 -6.76 20.15 11.14
C LYS B 132 -7.02 20.11 12.65
N LYS B 133 -8.14 19.51 13.05
CA LYS B 133 -8.48 19.40 14.45
C LYS B 133 -7.35 18.69 15.22
N GLN B 134 -6.95 17.52 14.76
CA GLN B 134 -5.89 16.79 15.44
C GLN B 134 -4.51 17.34 15.15
N GLY B 135 -4.44 18.46 14.45
CA GLY B 135 -3.14 19.02 14.14
C GLY B 135 -2.36 18.13 13.19
N ILE B 136 -3.07 17.26 12.47
CA ILE B 136 -2.47 16.35 11.49
C ILE B 136 -1.98 17.24 10.36
N ILE B 137 -2.79 18.24 10.03
CA ILE B 137 -2.45 19.23 9.02
C ILE B 137 -2.20 20.49 9.85
N LYS B 138 -0.96 20.93 9.93
CA LYS B 138 -0.70 22.12 10.72
C LYS B 138 -0.80 23.39 9.89
N GLN B 139 -2.04 23.81 9.67
CA GLN B 139 -2.36 25.04 8.93
C GLN B 139 -1.60 25.25 7.62
N ASP B 140 -2.33 25.27 6.52
CA ASP B 140 -1.75 25.46 5.20
C ASP B 140 -2.90 25.25 4.23
N PRO B 141 -2.66 25.40 2.92
CA PRO B 141 -1.43 25.79 2.21
C PRO B 141 -1.23 27.30 2.10
N LYS B 142 -0.58 27.80 1.05
CA LYS B 142 -0.31 29.24 0.95
C LYS B 142 -1.12 30.17 0.03
N LEU B 143 -1.21 29.88 -1.25
CA LEU B 143 -1.97 30.75 -2.19
C LEU B 143 -2.16 29.97 -3.47
N PRO B 144 -2.99 28.91 -3.43
CA PRO B 144 -3.21 28.09 -4.62
C PRO B 144 -3.17 28.72 -5.99
N VAL B 145 -2.18 28.25 -6.76
CA VAL B 145 -2.00 28.68 -8.12
C VAL B 145 -2.72 27.62 -8.96
N ASP B 146 -3.46 26.72 -8.29
CA ASP B 146 -4.23 25.67 -8.96
C ASP B 146 -5.57 25.38 -8.34
#